data_4N7B
#
_entry.id   4N7B
#
_cell.length_a   115.960
_cell.length_b   115.960
_cell.length_c   76.930
_cell.angle_alpha   90.00
_cell.angle_beta   90.00
_cell.angle_gamma   120.00
#
_symmetry.space_group_name_H-M   'P 31 2 1'
#
loop_
_entity.id
_entity.type
_entity.pdbx_description
1 polymer LytB
2 non-polymer 'FE3-S4 CLUSTER'
3 non-polymer 'SULFATE ION'
4 non-polymer GLYCEROL
5 non-polymer 'SODIUM ION'
6 water water
#
_entity_poly.entity_id   1
_entity_poly.type   'polypeptide(L)'
_entity_poly.pdbx_seq_one_letter_code
;MSVTTFCSLKKTDKCNIYISKRAFSVFLFYLFFFLFFHFYFLCSSSFAVIIHESEKRKNIMRRKRSILQIFENSIKSKEG
KCNFTKRYITHYYNIPLKIKKHDLPSVIKYFSHKPNGKHNYVTNMITQKNRKSFLFFFFLYNKYFFGKQEQIRKMNYHEE
MNKINIKNDGNRKIYMYPKNDIHEEDGDHKNDVEINQKRNEQNCKSFNDEKNENARDPNKILYLINPRGFCKGVSRAIET
VEECLKLFKPPIYVKHKIVHNDIVCKKLEKEGAIFIEDLNDVPDGHILIYSAHGISPQIREIAKKKKLIEIDATCPLVNK
VHVYVQMKAKENYDIILIGYKNHVEVIGTYNEAPHCTHIVENVNDVDKLNFPLNKKLFYVTQTTLSMDDCALIVQKLKNK
FPHIETIPSGSICYATTNRQTALNKICTKCDLTIVVGSSSSSNAKKLVYSSQIRNVPAVLLNTVHDLDQQILKNVNKIAL
TSAASTPEQETQKFVNLLTNPPFNYTLQNFDGAHENVPKWKLPKNFLHMIKEREKHHHHHH
;
_entity_poly.pdbx_strand_id   A
#
loop_
_chem_comp.id
_chem_comp.type
_chem_comp.name
_chem_comp.formula
F3S non-polymer 'FE3-S4 CLUSTER' 'Fe3 S4'
GOL non-polymer GLYCEROL 'C3 H8 O3'
NA non-polymer 'SODIUM ION' 'Na 1'
SO4 non-polymer 'SULFATE ION' 'O4 S -2'
#
# COMPACT_ATOMS: atom_id res chain seq x y z
N PRO A 218 -7.62 -32.31 16.87
CA PRO A 218 -7.68 -31.63 18.17
C PRO A 218 -8.53 -30.35 18.14
N ASN A 219 -8.01 -29.29 18.76
CA ASN A 219 -8.74 -28.04 18.87
C ASN A 219 -8.52 -27.14 17.66
N LYS A 220 -9.56 -26.91 16.89
CA LYS A 220 -9.45 -26.10 15.69
C LYS A 220 -9.84 -24.66 15.98
N ILE A 221 -8.97 -23.72 15.63
CA ILE A 221 -9.24 -22.32 15.89
C ILE A 221 -8.88 -21.43 14.72
N LEU A 222 -9.77 -20.51 14.40
CA LEU A 222 -9.49 -19.47 13.44
C LEU A 222 -9.31 -18.14 14.15
N TYR A 223 -8.10 -17.61 14.09
CA TYR A 223 -7.82 -16.32 14.69
C TYR A 223 -8.06 -15.26 13.65
N LEU A 224 -9.15 -14.53 13.80
CA LEU A 224 -9.47 -13.42 12.94
C LEU A 224 -8.78 -12.19 13.51
N ILE A 225 -7.87 -11.64 12.73
CA ILE A 225 -6.95 -10.64 13.23
C ILE A 225 -7.41 -9.23 12.94
N ASN A 226 -7.15 -8.36 13.90
CA ASN A 226 -7.41 -6.95 13.77
C ASN A 226 -6.18 -6.28 14.36
N PRO A 227 -5.69 -5.22 13.73
CA PRO A 227 -6.17 -4.62 12.48
C PRO A 227 -5.82 -5.41 11.23
N ARG A 228 -6.64 -5.18 10.21
CA ARG A 228 -6.49 -5.82 8.91
C ARG A 228 -7.24 -4.97 7.93
N GLY A 229 -7.14 -5.31 6.65
CA GLY A 229 -8.06 -4.72 5.66
C GLY A 229 -7.83 -3.24 5.44
N PHE A 230 -8.83 -2.59 4.86
CA PHE A 230 -8.71 -1.20 4.37
C PHE A 230 -7.96 -0.29 5.34
N CYS A 231 -6.97 0.42 4.82
CA CYS A 231 -6.35 1.53 5.55
C CYS A 231 -7.12 2.78 5.14
N LYS A 232 -6.77 3.90 5.74
CA LYS A 232 -7.45 5.15 5.41
C LYS A 232 -7.05 5.69 4.03
N GLY A 233 -5.83 5.44 3.57
CA GLY A 233 -5.41 5.92 2.27
C GLY A 233 -6.25 5.27 1.19
N VAL A 234 -6.52 3.99 1.38
CA VAL A 234 -7.31 3.23 0.44
C VAL A 234 -8.77 3.67 0.47
N SER A 235 -9.36 3.80 1.66
CA SER A 235 -10.78 4.17 1.70
C SER A 235 -10.96 5.57 1.13
N ARG A 236 -10.05 6.48 1.45
CA ARG A 236 -10.06 7.82 0.86
C ARG A 236 -9.95 7.80 -0.66
N ALA A 237 -9.09 6.96 -1.19
CA ALA A 237 -8.88 6.93 -2.62
C ALA A 237 -10.12 6.38 -3.32
N ILE A 238 -10.72 5.32 -2.77
CA ILE A 238 -11.93 4.76 -3.34
C ILE A 238 -13.05 5.78 -3.32
N GLU A 239 -13.28 6.39 -2.15
CA GLU A 239 -14.36 7.37 -2.03
C GLU A 239 -14.14 8.51 -3.02
N THR A 240 -12.87 8.88 -3.24
CA THR A 240 -12.58 9.95 -4.19
C THR A 240 -13.12 9.60 -5.57
N VAL A 241 -12.92 8.36 -6.00
CA VAL A 241 -13.39 7.95 -7.33
C VAL A 241 -14.91 7.86 -7.37
N GLU A 242 -15.49 7.27 -6.33
CA GLU A 242 -16.93 7.06 -6.27
C GLU A 242 -17.67 8.40 -6.27
N GLU A 243 -17.06 9.40 -5.67
CA GLU A 243 -17.71 10.67 -5.48
C GLU A 243 -17.63 11.51 -6.77
N CYS A 244 -16.57 11.28 -7.54
CA CYS A 244 -16.42 11.90 -8.85
C CYS A 244 -17.44 11.34 -9.81
N LEU A 245 -17.66 10.03 -9.70
CA LEU A 245 -18.65 9.35 -10.53
C LEU A 245 -20.06 9.86 -10.27
N LYS A 246 -20.34 10.25 -9.02
CA LYS A 246 -21.65 10.80 -8.67
C LYS A 246 -21.83 12.17 -9.28
N LEU A 247 -20.78 12.98 -9.23
CA LEU A 247 -20.88 14.35 -9.71
C LEU A 247 -20.86 14.40 -11.23
N PHE A 248 -19.77 13.96 -11.83
CA PHE A 248 -19.56 14.14 -13.26
C PHE A 248 -19.91 12.88 -14.04
N LYS A 249 -20.15 13.06 -15.33
CA LYS A 249 -20.63 11.95 -16.13
C LYS A 249 -19.47 11.03 -16.45
N PRO A 250 -19.60 9.73 -16.12
CA PRO A 250 -18.69 8.73 -16.67
C PRO A 250 -18.37 9.05 -18.13
N PRO A 251 -17.18 8.68 -18.61
CA PRO A 251 -16.16 7.97 -17.83
C PRO A 251 -15.30 8.88 -16.97
N ILE A 252 -14.84 8.37 -15.84
CA ILE A 252 -13.91 9.09 -14.97
C ILE A 252 -12.55 8.44 -15.07
N TYR A 253 -11.55 9.22 -15.47
CA TYR A 253 -10.24 8.67 -15.76
C TYR A 253 -9.36 8.64 -14.53
N VAL A 254 -8.71 7.51 -14.29
CA VAL A 254 -7.84 7.36 -13.15
C VAL A 254 -6.46 6.91 -13.64
N LYS A 255 -5.43 7.60 -13.17
CA LYS A 255 -4.06 7.28 -13.55
C LYS A 255 -3.54 6.16 -12.65
N HIS A 256 -3.22 5.04 -13.28
N HIS A 256 -3.20 5.01 -13.22
CA HIS A 256 -2.94 3.75 -12.65
CA HIS A 256 -2.86 3.82 -12.44
C HIS A 256 -4.10 3.24 -11.81
C HIS A 256 -4.13 3.22 -11.85
N LYS A 257 -4.07 1.95 -11.48
CA LYS A 257 -5.10 1.35 -10.67
C LYS A 257 -5.18 2.10 -9.34
N ILE A 258 -6.39 2.45 -8.95
CA ILE A 258 -6.59 3.36 -7.82
C ILE A 258 -6.04 2.78 -6.52
N VAL A 259 -6.19 1.47 -6.34
CA VAL A 259 -5.50 0.72 -5.30
C VAL A 259 -5.20 -0.65 -5.89
N HIS A 260 -4.26 -1.38 -5.30
CA HIS A 260 -3.84 -2.65 -5.88
C HIS A 260 -4.75 -3.77 -5.40
N ASN A 261 -5.98 -3.74 -5.87
CA ASN A 261 -6.92 -4.83 -5.64
C ASN A 261 -7.89 -4.94 -6.81
N ASP A 262 -7.87 -6.08 -7.49
CA ASP A 262 -8.67 -6.24 -8.71
C ASP A 262 -10.17 -6.19 -8.39
N ILE A 263 -10.55 -6.69 -7.22
CA ILE A 263 -11.97 -6.67 -6.86
C ILE A 263 -12.51 -5.26 -6.73
N VAL A 264 -11.79 -4.40 -6.02
CA VAL A 264 -12.14 -2.99 -5.92
C VAL A 264 -12.21 -2.32 -7.30
N CYS A 265 -11.18 -2.54 -8.11
CA CYS A 265 -11.05 -1.86 -9.39
C CYS A 265 -12.11 -2.28 -10.36
N LYS A 266 -12.44 -3.58 -10.38
CA LYS A 266 -13.45 -4.06 -11.30
C LYS A 266 -14.79 -3.42 -10.94
N LYS A 267 -15.05 -3.23 -9.65
CA LYS A 267 -16.32 -2.66 -9.22
C LYS A 267 -16.42 -1.23 -9.73
N LEU A 268 -15.30 -0.51 -9.71
CA LEU A 268 -15.28 0.88 -10.15
C LEU A 268 -15.38 0.98 -11.67
N GLU A 269 -14.83 0.00 -12.37
CA GLU A 269 -14.90 -0.02 -13.83
C GLU A 269 -16.35 -0.14 -14.25
N LYS A 270 -17.10 -0.98 -13.53
CA LYS A 270 -18.52 -1.17 -13.78
C LYS A 270 -19.27 0.14 -13.57
N GLU A 271 -18.85 0.89 -12.56
CA GLU A 271 -19.54 2.14 -12.21
C GLU A 271 -19.14 3.28 -13.15
N GLY A 272 -18.13 3.05 -13.99
CA GLY A 272 -17.78 4.02 -15.03
C GLY A 272 -16.37 4.59 -14.94
N ALA A 273 -15.56 4.09 -14.02
CA ALA A 273 -14.17 4.54 -13.95
C ALA A 273 -13.34 3.81 -15.01
N ILE A 274 -12.29 4.46 -15.48
CA ILE A 274 -11.35 3.85 -16.41
C ILE A 274 -9.93 4.14 -15.95
N PHE A 275 -9.16 3.08 -15.75
CA PHE A 275 -7.77 3.21 -15.30
C PHE A 275 -6.83 3.21 -16.49
N ILE A 276 -6.03 4.25 -16.58
CA ILE A 276 -5.18 4.45 -17.76
C ILE A 276 -3.74 4.64 -17.36
N GLU A 277 -2.83 4.46 -18.30
CA GLU A 277 -1.42 4.76 -18.08
C GLU A 277 -0.97 5.84 -19.05
N ASP A 278 -1.69 5.96 -20.16
CA ASP A 278 -1.34 6.93 -21.19
C ASP A 278 -2.32 8.09 -21.12
N LEU A 279 -1.82 9.26 -20.73
CA LEU A 279 -2.67 10.43 -20.56
C LEU A 279 -3.32 10.91 -21.86
N ASN A 280 -2.85 10.42 -23.00
CA ASN A 280 -3.49 10.72 -24.28
C ASN A 280 -4.83 10.03 -24.40
N ASP A 281 -5.02 8.99 -23.59
CA ASP A 281 -6.30 8.29 -23.52
C ASP A 281 -7.29 9.15 -22.77
N VAL A 282 -6.81 10.28 -22.25
CA VAL A 282 -7.68 11.22 -21.54
C VAL A 282 -7.96 12.48 -22.36
N PRO A 283 -9.24 12.71 -22.66
CA PRO A 283 -9.68 13.95 -23.30
C PRO A 283 -9.22 15.18 -22.51
N ASP A 284 -8.73 16.20 -23.22
CA ASP A 284 -8.38 17.46 -22.59
C ASP A 284 -9.59 18.03 -21.86
N GLY A 285 -9.36 18.76 -20.78
CA GLY A 285 -10.44 19.37 -20.02
C GLY A 285 -11.12 18.44 -19.04
N HIS A 286 -10.88 17.13 -19.16
CA HIS A 286 -11.59 16.15 -18.34
C HIS A 286 -10.93 15.89 -16.98
N ILE A 287 -11.65 15.17 -16.14
CA ILE A 287 -11.18 14.78 -14.80
C ILE A 287 -10.11 13.71 -14.91
N LEU A 288 -9.02 13.88 -14.16
CA LEU A 288 -8.08 12.80 -13.96
C LEU A 288 -7.75 12.66 -12.50
N ILE A 289 -7.86 11.43 -12.00
CA ILE A 289 -7.55 11.13 -10.60
C ILE A 289 -6.21 10.41 -10.45
N TYR A 290 -5.37 10.90 -9.55
CA TYR A 290 -4.10 10.23 -9.26
C TYR A 290 -4.33 9.21 -8.14
N SER A 291 -3.78 8.00 -8.32
CA SER A 291 -4.04 6.93 -7.39
C SER A 291 -3.35 7.15 -6.04
N ALA A 292 -3.69 6.30 -5.08
CA ALA A 292 -3.15 6.37 -3.73
C ALA A 292 -1.64 6.28 -3.68
N HIS A 293 -1.05 5.62 -4.67
CA HIS A 293 0.40 5.35 -4.67
C HIS A 293 1.21 6.56 -5.07
N GLY A 294 0.52 7.60 -5.54
CA GLY A 294 1.22 8.80 -5.95
C GLY A 294 1.67 8.76 -7.40
N ILE A 295 2.24 9.87 -7.84
CA ILE A 295 2.52 10.06 -9.24
C ILE A 295 3.79 10.88 -9.42
N SER A 296 4.44 10.72 -10.57
CA SER A 296 5.61 11.52 -10.91
C SER A 296 5.18 12.96 -11.22
N PRO A 297 5.95 13.95 -10.77
CA PRO A 297 5.65 15.37 -10.99
C PRO A 297 5.48 15.70 -12.46
N GLN A 298 6.25 15.01 -13.29
CA GLN A 298 6.24 15.23 -14.74
C GLN A 298 4.86 14.96 -15.32
N ILE A 299 4.20 13.92 -14.81
CA ILE A 299 2.86 13.58 -15.27
C ILE A 299 1.92 14.77 -15.03
N ARG A 300 2.15 15.48 -13.93
CA ARG A 300 1.29 16.60 -13.58
C ARG A 300 1.39 17.71 -14.61
N GLU A 301 2.60 18.15 -14.91
CA GLU A 301 2.74 19.26 -15.84
C GLU A 301 2.08 18.90 -17.17
N ILE A 302 2.15 17.63 -17.54
CA ILE A 302 1.46 17.16 -18.74
C ILE A 302 -0.05 17.36 -18.61
N ALA A 303 -0.57 17.09 -17.41
CA ALA A 303 -2.00 17.24 -17.14
C ALA A 303 -2.43 18.68 -17.40
N LYS A 304 -1.62 19.61 -16.93
CA LYS A 304 -1.95 21.02 -17.01
C LYS A 304 -1.98 21.47 -18.47
N LYS A 305 -1.05 20.95 -19.27
CA LYS A 305 -1.05 21.21 -20.70
C LYS A 305 -2.37 20.82 -21.34
N LYS A 306 -2.94 19.71 -20.88
CA LYS A 306 -4.23 19.24 -21.38
C LYS A 306 -5.39 19.86 -20.63
N LYS A 307 -5.07 20.81 -19.74
CA LYS A 307 -6.07 21.44 -18.91
C LYS A 307 -7.03 20.42 -18.30
N LEU A 308 -6.48 19.43 -17.60
CA LEU A 308 -7.29 18.42 -16.94
C LEU A 308 -7.67 18.88 -15.53
N ILE A 309 -8.79 18.37 -15.04
CA ILE A 309 -9.16 18.58 -13.65
C ILE A 309 -8.41 17.56 -12.83
N GLU A 310 -7.28 17.97 -12.27
CA GLU A 310 -6.46 17.10 -11.46
C GLU A 310 -7.08 16.89 -10.09
N ILE A 311 -7.37 15.64 -9.78
CA ILE A 311 -7.89 15.28 -8.47
C ILE A 311 -6.96 14.25 -7.83
N ASP A 312 -6.20 14.69 -6.84
CA ASP A 312 -5.08 13.92 -6.33
C ASP A 312 -5.42 13.10 -5.10
N ALA A 313 -5.55 11.78 -5.29
CA ALA A 313 -5.89 10.88 -4.19
C ALA A 313 -4.66 10.18 -3.65
N THR A 314 -3.49 10.74 -3.95
CA THR A 314 -2.25 10.24 -3.37
C THR A 314 -2.49 10.16 -1.88
N CYS A 315 -2.13 9.04 -1.27
CA CYS A 315 -2.16 8.92 0.17
C CYS A 315 -1.27 9.96 0.86
N PRO A 316 -1.79 10.66 1.86
CA PRO A 316 -0.99 11.66 2.59
C PRO A 316 0.36 11.14 3.07
N LEU A 317 0.46 9.84 3.35
CA LEU A 317 1.71 9.29 3.91
C LEU A 317 2.66 8.89 2.80
N VAL A 318 2.14 8.78 1.58
CA VAL A 318 3.00 8.72 0.40
C VAL A 318 3.46 10.14 0.07
N ASN A 319 2.53 11.09 0.12
CA ASN A 319 2.90 12.47 -0.13
C ASN A 319 3.98 12.91 0.86
N LYS A 320 3.90 12.40 2.08
CA LYS A 320 4.89 12.69 3.09
C LYS A 320 6.29 12.39 2.55
N VAL A 321 6.46 11.21 1.95
CA VAL A 321 7.77 10.81 1.46
C VAL A 321 8.21 11.71 0.31
N HIS A 322 7.29 11.95 -0.61
CA HIS A 322 7.57 12.86 -1.74
C HIS A 322 8.10 14.19 -1.25
N VAL A 323 7.49 14.66 -0.16
CA VAL A 323 7.76 15.98 0.36
C VAL A 323 9.14 16.06 1.03
N TYR A 324 9.46 15.09 1.87
CA TYR A 324 10.79 15.06 2.47
C TYR A 324 11.88 14.99 1.41
N VAL A 325 11.63 14.26 0.33
CA VAL A 325 12.62 14.09 -0.72
C VAL A 325 12.93 15.44 -1.38
N GLN A 326 11.89 16.18 -1.75
CA GLN A 326 12.07 17.49 -2.35
C GLN A 326 12.77 18.43 -1.39
N MET A 327 12.37 18.37 -0.13
CA MET A 327 12.89 19.30 0.88
C MET A 327 14.38 19.09 1.13
N LYS A 328 14.78 17.83 1.21
CA LYS A 328 16.17 17.51 1.49
C LYS A 328 17.04 17.67 0.26
N ALA A 329 16.46 17.48 -0.91
CA ALA A 329 17.23 17.68 -2.14
C ALA A 329 17.56 19.15 -2.27
N LYS A 330 16.62 20.01 -1.89
CA LYS A 330 16.86 21.44 -1.97
C LYS A 330 17.91 21.87 -0.94
N GLU A 331 18.17 21.01 0.03
CA GLU A 331 19.22 21.28 1.03
C GLU A 331 20.55 20.63 0.61
N ASN A 332 20.58 20.14 -0.63
CA ASN A 332 21.75 19.49 -1.22
C ASN A 332 22.14 18.16 -0.55
N TYR A 333 21.15 17.39 -0.13
CA TYR A 333 21.37 16.02 0.27
C TYR A 333 21.22 15.15 -0.96
N ASP A 334 21.93 14.04 -1.01
CA ASP A 334 21.59 13.02 -1.96
C ASP A 334 20.64 12.10 -1.22
N ILE A 335 19.74 11.47 -1.94
CA ILE A 335 18.68 10.71 -1.28
C ILE A 335 18.74 9.25 -1.62
N ILE A 336 18.71 8.40 -0.61
CA ILE A 336 18.66 6.95 -0.82
C ILE A 336 17.24 6.49 -0.62
N LEU A 337 16.67 5.86 -1.63
CA LEU A 337 15.28 5.42 -1.59
C LEU A 337 15.24 3.90 -1.53
N ILE A 338 14.92 3.35 -0.37
CA ILE A 338 14.82 1.90 -0.22
C ILE A 338 13.44 1.41 -0.66
N GLY A 339 13.38 0.61 -1.71
CA GLY A 339 12.10 0.14 -2.18
C GLY A 339 12.34 -0.61 -3.47
N TYR A 340 11.28 -1.11 -4.09
CA TYR A 340 11.42 -1.92 -5.30
C TYR A 340 11.29 -1.08 -6.57
N LYS A 341 12.33 -1.14 -7.40
CA LYS A 341 12.49 -0.25 -8.57
C LYS A 341 11.28 -0.13 -9.48
N ASN A 342 10.52 -1.22 -9.61
N ASN A 342 10.50 -1.19 -9.64
CA ASN A 342 9.40 -1.30 -10.53
CA ASN A 342 9.40 -1.16 -10.58
C ASN A 342 8.03 -0.94 -9.95
C ASN A 342 8.01 -1.02 -9.93
N HIS A 343 7.98 -0.64 -8.65
CA HIS A 343 6.70 -0.35 -7.99
C HIS A 343 6.33 1.10 -8.27
N VAL A 344 5.07 1.35 -8.69
CA VAL A 344 4.65 2.71 -9.05
C VAL A 344 4.90 3.76 -7.97
N GLU A 345 4.70 3.39 -6.70
CA GLU A 345 5.01 4.31 -5.60
C GLU A 345 6.45 4.75 -5.59
N VAL A 346 7.35 3.81 -5.80
CA VAL A 346 8.78 4.09 -5.75
C VAL A 346 9.18 4.97 -6.92
N ILE A 347 8.64 4.66 -8.09
CA ILE A 347 8.92 5.46 -9.28
C ILE A 347 8.47 6.89 -9.08
N GLY A 348 7.25 7.08 -8.57
CA GLY A 348 6.70 8.40 -8.33
C GLY A 348 7.54 9.22 -7.37
N THR A 349 7.98 8.60 -6.28
CA THR A 349 8.81 9.27 -5.28
C THR A 349 10.19 9.61 -5.87
N TYR A 350 10.77 8.66 -6.58
CA TYR A 350 12.06 8.85 -7.23
C TYR A 350 12.03 10.11 -8.08
N ASN A 351 10.97 10.29 -8.85
CA ASN A 351 10.96 11.37 -9.83
C ASN A 351 10.76 12.75 -9.24
N GLU A 352 10.69 12.84 -7.91
CA GLU A 352 10.64 14.16 -7.27
C GLU A 352 12.04 14.76 -7.21
N ALA A 353 13.07 13.92 -7.21
CA ALA A 353 14.46 14.40 -7.26
C ALA A 353 15.35 13.38 -7.96
N PRO A 354 15.04 13.09 -9.24
CA PRO A 354 15.63 11.95 -9.96
C PRO A 354 17.17 12.03 -10.10
N HIS A 355 17.72 13.22 -10.20
CA HIS A 355 19.14 13.37 -10.48
C HIS A 355 20.00 13.25 -9.22
N CYS A 356 19.36 13.25 -8.05
CA CYS A 356 20.11 13.12 -6.80
C CYS A 356 19.54 12.00 -5.93
N THR A 357 18.74 11.12 -6.51
CA THR A 357 18.19 9.99 -5.77
C THR A 357 18.80 8.66 -6.26
N HIS A 358 18.94 7.72 -5.34
CA HIS A 358 19.49 6.40 -5.63
C HIS A 358 18.63 5.33 -5.01
N ILE A 359 18.05 4.47 -5.83
CA ILE A 359 17.18 3.45 -5.30
C ILE A 359 17.96 2.24 -4.85
N VAL A 360 17.69 1.74 -3.64
CA VAL A 360 18.23 0.45 -3.26
C VAL A 360 17.10 -0.56 -2.99
N GLU A 361 17.14 -1.70 -3.66
CA GLU A 361 16.17 -2.74 -3.36
C GLU A 361 16.76 -3.90 -2.57
N ASN A 362 18.06 -3.88 -2.39
CA ASN A 362 18.74 -4.97 -1.69
C ASN A 362 20.10 -4.52 -1.16
N VAL A 363 20.79 -5.43 -0.47
CA VAL A 363 22.08 -5.06 0.12
C VAL A 363 23.21 -5.00 -0.92
N ASN A 364 23.03 -5.64 -2.08
CA ASN A 364 24.02 -5.51 -3.15
C ASN A 364 24.07 -4.02 -3.54
N ASP A 365 22.89 -3.39 -3.69
CA ASP A 365 22.79 -2.01 -4.12
C ASP A 365 23.49 -1.09 -3.13
N VAL A 366 23.48 -1.48 -1.87
CA VAL A 366 24.14 -0.68 -0.84
C VAL A 366 25.67 -0.69 -1.04
N ASP A 367 26.23 -1.87 -1.32
CA ASP A 367 27.66 -2.01 -1.52
C ASP A 367 28.14 -1.12 -2.64
N LYS A 368 27.27 -0.93 -3.63
CA LYS A 368 27.63 -0.18 -4.83
C LYS A 368 27.62 1.34 -4.63
N LEU A 369 27.03 1.84 -3.55
CA LEU A 369 26.95 3.27 -3.36
C LEU A 369 28.30 3.89 -3.03
N ASN A 370 28.62 4.99 -3.69
CA ASN A 370 29.82 5.75 -3.37
C ASN A 370 29.54 7.24 -3.35
N PHE A 371 30.03 7.90 -2.30
CA PHE A 371 29.85 9.33 -2.14
C PHE A 371 31.07 9.95 -1.48
N PRO A 372 31.39 11.20 -1.83
CA PRO A 372 32.38 11.95 -1.08
C PRO A 372 32.05 11.93 0.40
N LEU A 373 33.06 12.14 1.24
CA LEU A 373 32.91 11.97 2.67
C LEU A 373 32.13 13.10 3.32
N ASN A 374 32.10 14.25 2.66
CA ASN A 374 31.42 15.43 3.19
C ASN A 374 29.95 15.46 2.77
N LYS A 375 29.53 14.46 2.01
CA LYS A 375 28.22 14.50 1.36
C LYS A 375 27.11 14.10 2.30
N LYS A 376 26.14 14.98 2.48
CA LYS A 376 25.01 14.70 3.34
C LYS A 376 24.03 13.75 2.66
N LEU A 377 23.59 12.74 3.40
CA LEU A 377 22.70 11.73 2.86
C LEU A 377 21.47 11.61 3.71
N PHE A 378 20.36 11.33 3.05
CA PHE A 378 19.07 11.19 3.68
C PHE A 378 18.42 9.99 3.04
N TYR A 379 17.86 9.09 3.85
CA TYR A 379 17.18 7.95 3.28
C TYR A 379 15.70 7.99 3.59
N VAL A 380 14.98 7.29 2.76
CA VAL A 380 13.54 7.31 2.77
C VAL A 380 13.17 5.90 2.28
N THR A 381 11.93 5.46 2.49
CA THR A 381 11.55 4.12 2.06
C THR A 381 10.16 4.08 1.45
N GLN A 382 9.93 3.05 0.65
CA GLN A 382 8.59 2.63 0.26
C GLN A 382 7.73 2.43 1.52
N THR A 383 6.47 2.85 1.46
CA THR A 383 5.60 2.85 2.64
C THR A 383 5.17 1.47 3.10
N THR A 384 5.28 0.49 2.21
CA THR A 384 4.70 -0.83 2.43
C THR A 384 5.73 -1.97 2.57
N LEU A 385 6.97 -1.66 2.90
CA LEU A 385 8.00 -2.68 3.02
C LEU A 385 7.73 -3.66 4.18
N SER A 386 8.39 -4.80 4.12
CA SER A 386 8.56 -5.65 5.28
C SER A 386 9.40 -4.88 6.28
N MET A 387 8.94 -4.80 7.53
CA MET A 387 9.72 -4.12 8.56
C MET A 387 11.02 -4.85 8.80
N ASP A 388 11.01 -6.17 8.62
CA ASP A 388 12.21 -6.97 8.84
C ASP A 388 13.28 -6.73 7.80
N ASP A 389 12.89 -6.79 6.52
CA ASP A 389 13.78 -6.50 5.41
C ASP A 389 14.28 -5.07 5.51
N CYS A 390 13.36 -4.15 5.77
CA CYS A 390 13.72 -2.73 5.81
C CYS A 390 14.80 -2.50 6.86
N ALA A 391 14.59 -3.04 8.05
CA ALA A 391 15.55 -2.89 9.13
C ALA A 391 16.92 -3.46 8.73
N LEU A 392 16.90 -4.55 7.98
CA LEU A 392 18.13 -5.21 7.50
C LEU A 392 18.93 -4.25 6.63
N ILE A 393 18.26 -3.72 5.62
CA ILE A 393 18.90 -2.82 4.67
C ILE A 393 19.36 -1.54 5.38
N VAL A 394 18.53 -1.01 6.26
CA VAL A 394 18.87 0.22 6.97
C VAL A 394 20.12 0.03 7.82
N GLN A 395 20.21 -1.10 8.48
CA GLN A 395 21.35 -1.41 9.32
C GLN A 395 22.65 -1.40 8.50
N LYS A 396 22.58 -1.96 7.30
CA LYS A 396 23.73 -2.02 6.41
C LYS A 396 24.04 -0.61 5.91
N LEU A 397 23.01 0.14 5.55
CA LEU A 397 23.18 1.54 5.14
C LEU A 397 23.89 2.37 6.21
N LYS A 398 23.50 2.16 7.46
CA LYS A 398 24.07 2.92 8.56
C LYS A 398 25.49 2.52 8.88
N ASN A 399 25.83 1.26 8.62
CA ASN A 399 27.20 0.80 8.81
C ASN A 399 28.11 1.57 7.88
N LYS A 400 27.71 1.61 6.62
CA LYS A 400 28.50 2.28 5.60
C LYS A 400 28.45 3.80 5.76
N PHE A 401 27.26 4.36 5.99
CA PHE A 401 27.10 5.80 6.13
C PHE A 401 26.54 6.19 7.50
N PRO A 402 27.41 6.27 8.51
CA PRO A 402 27.00 6.43 9.91
C PRO A 402 26.18 7.70 10.18
N HIS A 403 26.32 8.75 9.38
CA HIS A 403 25.69 10.02 9.69
C HIS A 403 24.45 10.25 8.84
N ILE A 404 24.02 9.20 8.16
CA ILE A 404 22.89 9.30 7.27
C ILE A 404 21.64 9.64 8.08
N GLU A 405 20.77 10.46 7.51
CA GLU A 405 19.60 10.95 8.22
C GLU A 405 18.32 10.43 7.59
N THR A 406 17.21 10.55 8.28
CA THR A 406 15.94 10.13 7.71
C THR A 406 14.77 10.86 8.38
N ILE A 407 13.57 10.55 7.92
CA ILE A 407 12.36 11.00 8.59
C ILE A 407 12.26 10.40 10.00
N PRO A 408 12.12 11.24 11.02
CA PRO A 408 12.08 10.77 12.42
C PRO A 408 10.98 9.74 12.65
N SER A 409 9.79 10.00 12.14
CA SER A 409 8.70 9.04 12.29
C SER A 409 8.85 7.83 11.33
N GLY A 410 9.82 7.88 10.42
CA GLY A 410 9.97 6.81 9.44
C GLY A 410 9.05 6.95 8.24
N SER A 411 9.24 6.09 7.23
CA SER A 411 8.49 6.14 5.97
C SER A 411 7.46 5.02 5.90
N ILE A 412 7.72 3.92 6.60
CA ILE A 412 6.78 2.80 6.59
C ILE A 412 5.53 3.24 7.37
N CYS A 413 4.36 3.17 6.73
CA CYS A 413 3.13 3.78 7.31
C CYS A 413 2.50 2.96 8.46
N TYR A 414 1.60 3.61 9.17
CA TYR A 414 0.99 3.06 10.36
C TYR A 414 0.26 1.76 10.00
N ALA A 415 -0.33 1.70 8.80
CA ALA A 415 -1.16 0.55 8.42
C ALA A 415 -0.33 -0.67 8.15
N THR A 416 0.80 -0.47 7.50
CA THR A 416 1.76 -1.54 7.21
C THR A 416 2.34 -2.09 8.53
N THR A 417 2.81 -1.17 9.36
CA THR A 417 3.37 -1.53 10.66
C THR A 417 2.34 -2.30 11.50
N ASN A 418 1.14 -1.75 11.57
CA ASN A 418 0.12 -2.34 12.40
C ASN A 418 -0.29 -3.71 11.92
N ARG A 419 -0.48 -3.88 10.62
CA ARG A 419 -0.93 -5.17 10.14
C ARG A 419 0.15 -6.26 10.31
N GLN A 420 1.42 -5.95 10.00
CA GLN A 420 2.51 -6.91 10.21
C GLN A 420 2.70 -7.20 11.69
N THR A 421 2.65 -6.17 12.51
CA THR A 421 2.88 -6.35 13.94
C THR A 421 1.84 -7.30 14.55
N ALA A 422 0.58 -7.14 14.18
CA ALA A 422 -0.47 -7.96 14.77
C ALA A 422 -0.33 -9.41 14.31
N LEU A 423 -0.11 -9.59 13.01
CA LEU A 423 0.07 -10.93 12.45
C LEU A 423 1.30 -11.62 13.07
N ASN A 424 2.39 -10.88 13.20
CA ASN A 424 3.62 -11.42 13.78
C ASN A 424 3.42 -11.97 15.18
N LYS A 425 2.57 -11.30 15.97
CA LYS A 425 2.32 -11.70 17.36
C LYS A 425 1.59 -13.01 17.48
N ILE A 426 0.62 -13.22 16.58
CA ILE A 426 -0.24 -14.39 16.66
C ILE A 426 0.19 -15.56 15.75
N CYS A 427 0.83 -15.29 14.61
CA CYS A 427 1.07 -16.37 13.62
C CYS A 427 1.81 -17.57 14.23
N THR A 428 2.65 -17.37 15.24
CA THR A 428 3.46 -18.48 15.78
C THR A 428 2.70 -19.42 16.69
N LYS A 429 1.42 -19.16 16.95
CA LYS A 429 0.55 -20.13 17.62
C LYS A 429 -0.14 -21.00 16.58
N CYS A 430 0.02 -20.64 15.31
CA CYS A 430 -0.75 -21.23 14.22
C CYS A 430 0.06 -22.17 13.31
N ASP A 431 -0.66 -22.97 12.52
CA ASP A 431 -0.08 -23.91 11.58
C ASP A 431 -0.07 -23.32 10.17
N LEU A 432 -0.95 -22.35 9.94
CA LEU A 432 -1.07 -21.74 8.63
C LEU A 432 -1.57 -20.31 8.74
N THR A 433 -1.01 -19.43 7.91
CA THR A 433 -1.48 -18.05 7.81
C THR A 433 -2.13 -17.84 6.44
N ILE A 434 -3.35 -17.32 6.45
CA ILE A 434 -4.03 -16.94 5.21
C ILE A 434 -4.14 -15.44 5.14
N VAL A 435 -3.55 -14.87 4.10
CA VAL A 435 -3.65 -13.45 3.88
C VAL A 435 -4.57 -13.24 2.71
N VAL A 436 -5.63 -12.47 2.92
CA VAL A 436 -6.57 -12.21 1.83
C VAL A 436 -6.15 -10.94 1.12
N GLY A 437 -5.93 -11.05 -0.17
CA GLY A 437 -5.54 -9.89 -0.94
C GLY A 437 -5.01 -10.23 -2.30
N SER A 438 -4.66 -9.20 -3.04
CA SER A 438 -4.20 -9.35 -4.42
C SER A 438 -2.69 -9.51 -4.55
N SER A 439 -2.25 -10.28 -5.54
CA SER A 439 -0.82 -10.49 -5.75
C SER A 439 -0.15 -9.24 -6.28
N SER A 440 -0.94 -8.29 -6.77
CA SER A 440 -0.37 -7.02 -7.24
C SER A 440 -0.07 -6.09 -6.06
N SER A 441 -0.49 -6.46 -4.85
CA SER A 441 -0.26 -5.62 -3.68
C SER A 441 0.99 -5.98 -2.88
N SER A 442 1.91 -5.03 -2.77
CA SER A 442 3.16 -5.29 -2.06
C SER A 442 2.93 -5.58 -0.57
N ASN A 443 2.10 -4.77 0.10
CA ASN A 443 1.94 -4.97 1.54
C ASN A 443 1.27 -6.31 1.84
N ALA A 444 0.39 -6.78 0.95
CA ALA A 444 -0.19 -8.13 1.08
C ALA A 444 0.94 -9.15 1.03
N LYS A 445 1.79 -9.04 0.02
CA LYS A 445 2.88 -9.99 -0.13
C LYS A 445 3.80 -9.95 1.08
N LYS A 446 3.96 -8.77 1.68
CA LYS A 446 4.86 -8.64 2.82
C LYS A 446 4.23 -9.24 4.09
N LEU A 447 2.91 -9.35 4.10
CA LEU A 447 2.26 -10.00 5.25
C LEU A 447 2.57 -11.49 5.18
N VAL A 448 2.38 -12.07 4.00
CA VAL A 448 2.71 -13.48 3.81
C VAL A 448 4.15 -13.74 4.24
N TYR A 449 5.04 -12.88 3.77
CA TYR A 449 6.46 -13.03 4.06
C TYR A 449 6.75 -12.94 5.55
N SER A 450 6.08 -12.03 6.23
CA SER A 450 6.30 -11.83 7.67
C SER A 450 6.03 -13.12 8.43
N SER A 451 4.98 -13.83 8.05
CA SER A 451 4.66 -15.12 8.67
C SER A 451 5.69 -16.19 8.32
N GLN A 452 6.13 -16.22 7.06
CA GLN A 452 7.03 -17.28 6.63
C GLN A 452 8.40 -17.22 7.30
N ILE A 453 8.98 -16.02 7.41
CA ILE A 453 10.31 -15.93 8.06
C ILE A 453 10.18 -16.20 9.56
N ARG A 454 8.94 -16.28 10.04
CA ARG A 454 8.68 -16.71 11.41
C ARG A 454 8.28 -18.21 11.46
N ASN A 455 8.57 -18.89 10.35
CA ASN A 455 8.41 -20.34 10.24
C ASN A 455 6.96 -20.83 10.20
N VAL A 456 6.01 -19.95 9.96
CA VAL A 456 4.66 -20.46 9.73
C VAL A 456 4.21 -20.25 8.28
N PRO A 457 3.91 -21.36 7.60
CA PRO A 457 3.53 -21.35 6.19
C PRO A 457 2.39 -20.38 5.95
N ALA A 458 2.39 -19.74 4.80
CA ALA A 458 1.44 -18.67 4.55
C ALA A 458 1.08 -18.64 3.08
N VAL A 459 -0.11 -18.19 2.77
CA VAL A 459 -0.58 -18.11 1.41
C VAL A 459 -1.36 -16.83 1.25
N LEU A 460 -1.24 -16.25 0.06
CA LEU A 460 -1.96 -15.05 -0.29
C LEU A 460 -3.06 -15.45 -1.24
N LEU A 461 -4.31 -15.16 -0.88
CA LEU A 461 -5.46 -15.56 -1.69
C LEU A 461 -6.38 -14.37 -1.92
N ASN A 462 -6.78 -14.19 -3.17
CA ASN A 462 -7.58 -13.04 -3.56
C ASN A 462 -9.00 -13.21 -3.04
N THR A 463 -9.49 -14.45 -3.09
CA THR A 463 -10.88 -14.76 -2.76
C THR A 463 -10.97 -16.23 -2.32
N VAL A 464 -12.03 -16.62 -1.59
CA VAL A 464 -12.16 -18.02 -1.14
C VAL A 464 -12.16 -19.01 -2.27
N HIS A 465 -12.66 -18.61 -3.43
CA HIS A 465 -12.69 -19.50 -4.57
C HIS A 465 -11.27 -19.96 -4.89
N ASP A 466 -10.26 -19.11 -4.63
CA ASP A 466 -8.87 -19.46 -4.95
C ASP A 466 -8.24 -20.41 -3.92
N LEU A 467 -8.94 -20.65 -2.80
CA LEU A 467 -8.40 -21.52 -1.77
C LEU A 467 -8.45 -22.97 -2.23
N ASP A 468 -7.29 -23.62 -2.23
CA ASP A 468 -7.20 -25.05 -2.43
C ASP A 468 -7.46 -25.69 -1.08
N GLN A 469 -8.70 -26.13 -0.87
CA GLN A 469 -9.18 -26.60 0.43
C GLN A 469 -8.42 -27.81 0.97
N GLN A 470 -7.62 -28.43 0.12
CA GLN A 470 -6.82 -29.58 0.52
C GLN A 470 -5.72 -29.16 1.49
N ILE A 471 -5.31 -27.90 1.45
CA ILE A 471 -4.21 -27.47 2.29
C ILE A 471 -4.64 -27.27 3.73
N LEU A 472 -5.92 -27.50 4.01
CA LEU A 472 -6.45 -27.35 5.37
C LEU A 472 -6.42 -28.69 6.10
N LYS A 473 -6.10 -29.75 5.38
CA LYS A 473 -5.99 -31.06 6.00
C LYS A 473 -4.80 -30.98 6.97
N ASN A 474 -5.03 -31.39 8.21
CA ASN A 474 -3.98 -31.36 9.23
C ASN A 474 -3.64 -29.96 9.77
N VAL A 475 -4.36 -28.92 9.36
CA VAL A 475 -4.17 -27.65 10.05
C VAL A 475 -5.33 -27.36 10.99
N ASN A 476 -4.97 -27.16 12.25
CA ASN A 476 -5.91 -26.93 13.32
C ASN A 476 -6.02 -25.47 13.70
N LYS A 477 -4.94 -24.72 13.54
CA LYS A 477 -4.98 -23.31 13.87
C LYS A 477 -4.55 -22.43 12.70
N ILE A 478 -5.42 -21.51 12.35
CA ILE A 478 -5.21 -20.58 11.25
C ILE A 478 -5.21 -19.13 11.72
N ALA A 479 -4.21 -18.40 11.26
CA ALA A 479 -4.13 -16.97 11.45
C ALA A 479 -4.73 -16.33 10.20
N LEU A 480 -5.81 -15.55 10.33
CA LEU A 480 -6.43 -14.96 9.14
C LEU A 480 -6.36 -13.45 9.17
N THR A 481 -5.72 -12.85 8.17
CA THR A 481 -5.68 -11.40 8.05
C THR A 481 -5.88 -10.95 6.61
N SER A 482 -5.73 -9.66 6.34
CA SER A 482 -5.96 -9.17 5.01
C SER A 482 -5.19 -7.88 4.79
N ALA A 483 -4.84 -7.64 3.54
CA ALA A 483 -4.01 -6.50 3.17
C ALA A 483 -4.77 -5.19 3.25
N ALA A 484 -4.04 -4.09 3.13
CA ALA A 484 -4.60 -2.77 3.29
C ALA A 484 -5.53 -2.37 2.15
N SER A 485 -5.57 -3.16 1.09
CA SER A 485 -6.35 -2.85 -0.11
C SER A 485 -7.50 -3.84 -0.25
N THR A 486 -7.63 -4.75 0.70
CA THR A 486 -8.61 -5.86 0.60
C THR A 486 -10.00 -5.56 1.24
N PRO A 487 -11.08 -5.66 0.43
CA PRO A 487 -12.44 -5.43 0.94
C PRO A 487 -12.82 -6.44 2.00
N GLU A 488 -13.51 -5.97 3.05
CA GLU A 488 -13.82 -6.78 4.22
C GLU A 488 -14.70 -7.96 3.82
N GLN A 489 -15.61 -7.76 2.86
CA GLN A 489 -16.45 -8.88 2.40
C GLN A 489 -15.61 -10.09 1.95
N GLU A 490 -14.48 -9.87 1.29
CA GLU A 490 -13.72 -11.02 0.83
C GLU A 490 -13.20 -11.79 2.04
N THR A 491 -12.83 -11.08 3.09
CA THR A 491 -12.35 -11.73 4.30
C THR A 491 -13.47 -12.46 5.04
N GLN A 492 -14.68 -11.90 5.02
CA GLN A 492 -15.81 -12.54 5.68
C GLN A 492 -16.17 -13.87 5.03
N LYS A 493 -16.02 -13.97 3.72
CA LYS A 493 -16.29 -15.23 3.03
C LYS A 493 -15.35 -16.33 3.55
N PHE A 494 -14.11 -15.97 3.85
CA PHE A 494 -13.21 -16.92 4.48
C PHE A 494 -13.73 -17.32 5.86
N VAL A 495 -14.12 -16.34 6.66
CA VAL A 495 -14.61 -16.65 7.99
C VAL A 495 -15.81 -17.58 7.86
N ASN A 496 -16.70 -17.26 6.94
CA ASN A 496 -17.91 -18.07 6.77
C ASN A 496 -17.58 -19.51 6.35
N LEU A 497 -16.70 -19.68 5.38
CA LEU A 497 -16.31 -21.01 4.94
C LEU A 497 -15.66 -21.80 6.07
N LEU A 498 -14.69 -21.20 6.76
CA LEU A 498 -13.86 -21.94 7.71
C LEU A 498 -14.51 -22.25 9.05
N THR A 499 -15.44 -21.41 9.53
CA THR A 499 -16.06 -21.59 10.84
C THR A 499 -17.32 -22.45 10.80
N ASN A 500 -17.79 -22.73 9.60
CA ASN A 500 -18.93 -23.64 9.40
C ASN A 500 -18.53 -25.01 8.86
N PRO A 501 -19.47 -25.98 8.88
CA PRO A 501 -19.18 -27.30 8.34
C PRO A 501 -18.79 -27.18 6.87
N PRO A 502 -17.92 -28.06 6.39
CA PRO A 502 -17.32 -29.18 7.11
C PRO A 502 -16.03 -28.88 7.87
N PHE A 503 -15.64 -27.61 8.00
CA PHE A 503 -14.32 -27.29 8.56
C PHE A 503 -14.38 -27.02 10.05
N ASN A 504 -15.36 -26.23 10.48
CA ASN A 504 -15.64 -26.03 11.89
C ASN A 504 -14.45 -25.53 12.72
N TYR A 505 -13.66 -24.62 12.17
CA TYR A 505 -12.69 -23.90 12.98
C TYR A 505 -13.46 -23.01 13.95
N THR A 506 -13.09 -23.03 15.22
CA THR A 506 -13.75 -22.17 16.21
C THR A 506 -13.23 -20.75 16.04
N LEU A 507 -14.13 -19.80 15.92
CA LEU A 507 -13.75 -18.41 15.69
C LEU A 507 -13.26 -17.73 16.97
N GLN A 508 -12.08 -17.12 16.89
CA GLN A 508 -11.58 -16.26 17.95
CA GLN A 508 -11.55 -16.27 17.94
C GLN A 508 -11.03 -14.98 17.34
N ASN A 509 -11.18 -13.88 18.05
CA ASN A 509 -10.61 -12.62 17.61
C ASN A 509 -9.21 -12.49 18.18
N PHE A 510 -8.30 -11.99 17.36
CA PHE A 510 -7.01 -11.59 17.89
C PHE A 510 -6.76 -10.12 17.60
N ASP A 511 -6.54 -9.35 18.66
CA ASP A 511 -6.31 -7.91 18.54
C ASP A 511 -4.87 -7.52 18.77
N GLY A 512 -4.24 -6.93 17.76
CA GLY A 512 -3.00 -6.18 17.98
C GLY A 512 -3.41 -4.88 18.67
N ALA A 513 -2.50 -3.91 18.71
CA ALA A 513 -2.78 -2.65 19.38
C ALA A 513 -3.91 -1.98 18.63
N HIS A 514 -4.70 -1.18 19.33
CA HIS A 514 -5.75 -0.44 18.67
C HIS A 514 -5.11 0.45 17.61
N GLU A 515 -5.63 0.36 16.39
CA GLU A 515 -5.18 1.24 15.33
C GLU A 515 -5.98 2.53 15.40
N ASN A 516 -5.28 3.66 15.38
CA ASN A 516 -5.94 4.93 15.21
C ASN A 516 -6.09 5.30 13.75
N VAL A 517 -7.34 5.30 13.30
CA VAL A 517 -7.65 5.62 11.93
C VAL A 517 -7.59 7.14 11.75
N PRO A 518 -6.67 7.60 10.89
CA PRO A 518 -6.54 9.03 10.59
C PRO A 518 -7.87 9.61 10.11
N LYS A 519 -8.07 10.89 10.39
CA LYS A 519 -9.29 11.57 10.00
C LYS A 519 -9.06 12.39 8.75
N TRP A 520 -8.42 11.78 7.76
CA TRP A 520 -8.23 12.49 6.50
C TRP A 520 -9.56 12.76 5.81
N LYS A 521 -9.68 13.94 5.22
CA LYS A 521 -10.83 14.26 4.38
C LYS A 521 -10.46 14.02 2.92
N LEU A 522 -11.42 14.13 2.01
CA LEU A 522 -11.12 14.04 0.58
C LEU A 522 -10.27 15.22 0.12
N PRO A 523 -9.62 15.09 -1.05
CA PRO A 523 -8.81 16.17 -1.62
C PRO A 523 -9.60 17.49 -1.64
N LYS A 524 -8.95 18.58 -1.26
CA LYS A 524 -9.66 19.80 -0.97
C LYS A 524 -10.32 20.44 -2.18
N ASN A 525 -9.71 20.32 -3.36
CA ASN A 525 -10.29 20.95 -4.54
C ASN A 525 -11.56 20.19 -4.91
N PHE A 526 -11.50 18.88 -4.74
CA PHE A 526 -12.64 18.03 -5.00
C PHE A 526 -13.78 18.34 -4.05
N LEU A 527 -13.46 18.59 -2.78
CA LEU A 527 -14.47 18.99 -1.79
C LEU A 527 -15.13 20.30 -2.19
N HIS A 528 -14.32 21.24 -2.67
CA HIS A 528 -14.86 22.55 -3.07
C HIS A 528 -15.92 22.37 -4.16
N MET A 529 -15.62 21.50 -5.13
CA MET A 529 -16.56 21.20 -6.21
C MET A 529 -17.87 20.75 -5.62
N ILE A 530 -17.79 19.71 -4.79
CA ILE A 530 -18.96 19.14 -4.14
C ILE A 530 -19.82 20.25 -3.51
N LYS A 531 -19.17 21.15 -2.78
CA LYS A 531 -19.88 22.21 -2.08
C LYS A 531 -20.69 23.05 -3.06
N GLU A 532 -20.06 23.43 -4.17
CA GLU A 532 -20.76 24.16 -5.22
C GLU A 532 -22.02 23.44 -5.63
N ARG A 533 -21.83 22.30 -6.29
CA ARG A 533 -22.91 21.56 -6.92
C ARG A 533 -24.14 21.39 -6.04
N GLU A 534 -23.95 21.38 -4.72
CA GLU A 534 -25.07 21.18 -3.78
C GLU A 534 -25.80 22.50 -3.51
N LYS A 535 -25.62 23.46 -4.41
CA LYS A 535 -26.24 24.77 -4.29
C LYS A 535 -27.55 24.84 -5.08
FE1 F3S B . -2.56 2.77 3.02
FE3 F3S B . -1.33 5.16 2.71
FE4 F3S B . -0.14 3.12 3.99
S1 F3S B . -2.40 3.97 1.19
S2 F3S B . -0.93 1.25 3.06
S3 F3S B . -1.95 4.23 4.59
S4 F3S B . 0.80 4.57 2.64
S SO4 C . 0.71 -1.68 -2.41
O1 SO4 C . 1.14 -0.29 -2.49
O2 SO4 C . -0.75 -1.76 -2.56
O3 SO4 C . 1.38 -2.39 -3.50
O4 SO4 C . 1.09 -2.32 -1.13
S SO4 D . 9.01 -10.79 16.52
O1 SO4 D . 9.05 -10.53 17.95
O2 SO4 D . 7.96 -11.77 16.23
O3 SO4 D . 8.73 -9.55 15.81
O4 SO4 D . 10.30 -11.33 16.09
C1 GOL E . -14.21 -2.09 4.38
O1 GOL E . -14.23 -3.04 3.34
C2 GOL E . -15.54 -2.10 5.17
O2 GOL E . -15.64 -1.04 6.10
C3 GOL E . -16.74 -1.99 4.25
O3 GOL E . -17.80 -2.69 4.87
H11 GOL E . -13.38 -2.30 5.06
H12 GOL E . -14.05 -1.09 3.96
HO1 GOL E . -13.41 -2.98 2.83
H2 GOL E . -15.61 -3.05 5.70
HO2 GOL E . -15.64 -0.18 5.63
H31 GOL E . -17.01 -0.95 4.11
H32 GOL E . -16.51 -2.43 3.28
HO3 GOL E . -17.73 -2.58 5.84
NA NA F . 6.66 14.06 9.67
NA NA G . 16.88 16.16 -9.05
#